data_5TM3
#
_entry.id   5TM3
#
_cell.length_a   54.530
_cell.length_b   81.960
_cell.length_c   58.570
_cell.angle_alpha   90.00
_cell.angle_beta   110.75
_cell.angle_gamma   90.00
#
_symmetry.space_group_name_H-M   'P 1 21 1'
#
loop_
_entity.id
_entity.type
_entity.pdbx_description
1 polymer 'Estrogen receptor'
2 polymer 'Nuclear receptor coactivator 2'
3 non-polymer (1S)-2,3-bis(2-chloro-4-hydroxyphenyl)-1H-1lambda~4~-thiophen-1-one
4 water water
#
loop_
_entity_poly.entity_id
_entity_poly.type
_entity_poly.pdbx_seq_one_letter_code
_entity_poly.pdbx_strand_id
1 'polypeptide(L)'
;IKRSKKNSLALSLTADQMVSALLDAEPPILYSEYDPTRPFSEASMMGLLTNLADRELVHMINWAKRVPGFVDLTLHDQVH
LLECAWLEILMIGLVWRSMEHPGKLLFAPNLLLDRNQGKCVEGMVEIFDMLLATSSRFRMMNLQGEEFVCLKSIILLNSG
VYTFLSSTLKSLEEKDHIHRVLDKITDTLIHLMAKAGLTLQQQHQRLAQLLLILSHIRHMSNKGMEHLYSMKCKNVVPLS
DLLLEMLDAHRLHAPTS
;
A,B
2 'polypeptide(L)' KHKILHRLLQDSS C,D
#
loop_
_chem_comp.id
_chem_comp.type
_chem_comp.name
_chem_comp.formula
7EN non-polymer (1S)-2,3-bis(2-chloro-4-hydroxyphenyl)-1H-1lambda~4~-thiophen-1-one 'C16 H10 Cl2 O3 S'
#
# COMPACT_ATOMS: atom_id res chain seq x y z
N SER A 8 -10.67 -24.53 -12.79
CA SER A 8 -10.77 -23.77 -11.55
C SER A 8 -12.24 -23.47 -11.22
N LEU A 9 -12.73 -24.03 -10.12
CA LEU A 9 -14.12 -23.88 -9.73
C LEU A 9 -14.42 -22.52 -9.10
N ALA A 10 -13.40 -21.73 -8.78
CA ALA A 10 -13.64 -20.44 -8.14
C ALA A 10 -14.38 -19.49 -9.06
N LEU A 11 -14.07 -19.53 -10.36
CA LEU A 11 -14.71 -18.62 -11.30
C LEU A 11 -16.15 -19.02 -11.59
N SER A 12 -16.52 -20.28 -11.35
CA SER A 12 -17.88 -20.74 -11.63
C SER A 12 -18.85 -20.44 -10.50
N LEU A 13 -18.36 -20.02 -9.33
CA LEU A 13 -19.24 -19.71 -8.22
C LEU A 13 -20.04 -18.44 -8.52
N THR A 14 -21.17 -18.30 -7.85
CA THR A 14 -21.94 -17.07 -7.90
C THR A 14 -21.45 -16.12 -6.81
N ALA A 15 -21.95 -14.88 -6.87
CA ALA A 15 -21.55 -13.88 -5.87
C ALA A 15 -21.98 -14.31 -4.47
N ASP A 16 -23.18 -14.86 -4.35
CA ASP A 16 -23.62 -15.37 -3.04
C ASP A 16 -22.81 -16.60 -2.62
N GLN A 17 -22.49 -17.47 -3.58
CA GLN A 17 -21.69 -18.64 -3.27
C GLN A 17 -20.24 -18.29 -2.95
N MET A 18 -19.77 -17.14 -3.40
CA MET A 18 -18.44 -16.68 -3.01
C MET A 18 -18.46 -16.11 -1.59
N VAL A 19 -19.53 -15.39 -1.22
CA VAL A 19 -19.64 -14.82 0.11
C VAL A 19 -19.72 -15.93 1.16
N SER A 20 -20.63 -16.88 0.96
CA SER A 20 -20.83 -17.92 1.96
C SER A 20 -19.63 -18.85 2.07
N ALA A 21 -18.90 -19.03 0.98
CA ALA A 21 -17.67 -19.83 1.04
C ALA A 21 -16.60 -19.13 1.85
N LEU A 22 -16.46 -17.81 1.69
CA LEU A 22 -15.50 -17.05 2.47
C LEU A 22 -15.93 -16.94 3.93
N LEU A 23 -17.24 -16.74 4.17
CA LEU A 23 -17.73 -16.68 5.53
C LEU A 23 -17.55 -18.00 6.26
N ASP A 24 -17.80 -19.11 5.58
CA ASP A 24 -17.64 -20.42 6.20
C ASP A 24 -16.18 -20.72 6.51
N ALA A 25 -15.25 -20.14 5.74
CA ALA A 25 -13.84 -20.41 5.91
C ALA A 25 -13.18 -19.54 6.98
N GLU A 26 -13.94 -18.69 7.66
CA GLU A 26 -13.36 -17.76 8.61
C GLU A 26 -12.64 -18.50 9.73
N PRO A 27 -11.43 -18.10 10.09
CA PRO A 27 -10.75 -18.74 11.21
C PRO A 27 -11.40 -18.33 12.52
N PRO A 28 -11.20 -19.10 13.59
CA PRO A 28 -11.79 -18.75 14.87
C PRO A 28 -11.02 -17.66 15.59
N ILE A 29 -11.67 -17.08 16.60
CA ILE A 29 -11.04 -16.07 17.45
C ILE A 29 -10.34 -16.79 18.59
N LEU A 30 -9.01 -16.74 18.60
CA LEU A 30 -8.23 -17.43 19.60
C LEU A 30 -8.07 -16.58 20.86
N TYR A 31 -7.80 -17.25 21.97
CA TYR A 31 -7.58 -16.60 23.24
C TYR A 31 -6.09 -16.50 23.54
N SER A 32 -5.73 -15.46 24.28
CA SER A 32 -4.36 -15.31 24.76
C SER A 32 -4.15 -16.17 26.00
N GLU A 33 -2.89 -16.31 26.39
CA GLU A 33 -2.54 -16.99 27.63
C GLU A 33 -3.10 -16.21 28.81
N TYR A 34 -3.81 -16.92 29.69
CA TYR A 34 -4.53 -16.25 30.77
C TYR A 34 -3.54 -15.65 31.78
N ASP A 35 -3.96 -14.59 32.52
CA ASP A 35 -3.11 -13.54 33.10
C ASP A 35 -1.63 -13.56 32.70
N PRO A 39 -0.13 -5.67 35.12
CA PRO A 39 0.37 -4.95 33.94
C PRO A 39 1.31 -5.80 33.08
N PHE A 40 1.93 -5.18 32.08
CA PHE A 40 2.80 -5.88 31.14
C PHE A 40 4.13 -5.18 31.04
N SER A 41 5.20 -5.97 30.92
CA SER A 41 6.51 -5.44 30.60
C SER A 41 6.72 -5.56 29.09
N GLU A 42 7.96 -5.39 28.63
CA GLU A 42 8.24 -5.56 27.21
C GLU A 42 8.25 -7.04 26.83
N ALA A 43 9.01 -7.85 27.58
CA ALA A 43 9.11 -9.26 27.26
C ALA A 43 7.79 -10.00 27.48
N SER A 44 7.01 -9.59 28.47
CA SER A 44 5.75 -10.28 28.73
C SER A 44 4.73 -10.00 27.63
N MET A 45 4.56 -8.74 27.26
CA MET A 45 3.62 -8.38 26.20
C MET A 45 4.05 -8.98 24.87
N MET A 46 5.34 -8.87 24.54
CA MET A 46 5.83 -9.45 23.29
C MET A 46 5.69 -10.96 23.29
N GLY A 47 5.84 -11.60 24.46
CA GLY A 47 5.63 -13.04 24.53
C GLY A 47 4.18 -13.43 24.30
N LEU A 48 3.25 -12.68 24.87
CA LEU A 48 1.83 -12.96 24.64
C LEU A 48 1.45 -12.74 23.19
N LEU A 49 1.99 -11.69 22.57
CA LEU A 49 1.69 -11.41 21.16
C LEU A 49 2.35 -12.43 20.26
N THR A 50 3.58 -12.85 20.58
CA THR A 50 4.27 -13.84 19.77
C THR A 50 3.54 -15.18 19.81
N ASN A 51 3.17 -15.63 21.01
CA ASN A 51 2.43 -16.88 21.14
C ASN A 51 1.10 -16.81 20.39
N LEU A 52 0.42 -15.68 20.47
CA LEU A 52 -0.87 -15.53 19.81
C LEU A 52 -0.72 -15.52 18.29
N ALA A 53 0.22 -14.72 17.79
CA ALA A 53 0.43 -14.64 16.35
C ALA A 53 0.85 -15.98 15.78
N ASP A 54 1.65 -16.74 16.52
CA ASP A 54 2.10 -18.04 16.04
C ASP A 54 0.94 -19.01 15.91
N ARG A 55 0.02 -19.00 16.89
CA ARG A 55 -1.14 -19.88 16.81
C ARG A 55 -2.13 -19.40 15.75
N GLU A 56 -2.25 -18.08 15.57
CA GLU A 56 -3.12 -17.58 14.52
C GLU A 56 -2.61 -17.94 13.13
N LEU A 57 -1.28 -18.05 12.97
CA LEU A 57 -0.72 -18.37 11.66
C LEU A 57 -1.16 -19.76 11.20
N VAL A 58 -1.25 -20.71 12.14
CA VAL A 58 -1.67 -22.06 11.77
C VAL A 58 -3.08 -22.06 11.23
N HIS A 59 -3.97 -21.25 11.82
CA HIS A 59 -5.34 -21.19 11.34
C HIS A 59 -5.44 -20.40 10.04
N MET A 60 -4.59 -19.40 9.83
CA MET A 60 -4.61 -18.65 8.59
C MET A 60 -4.23 -19.54 7.40
N ILE A 61 -3.21 -20.38 7.60
CA ILE A 61 -2.76 -21.26 6.52
C ILE A 61 -3.87 -22.21 6.10
N ASN A 62 -4.66 -22.70 7.07
CA ASN A 62 -5.80 -23.53 6.72
C ASN A 62 -6.96 -22.70 6.18
N TRP A 63 -7.05 -21.43 6.58
CA TRP A 63 -8.05 -20.55 5.98
C TRP A 63 -7.71 -20.27 4.52
N ALA A 64 -6.43 -20.17 4.19
CA ALA A 64 -6.02 -19.88 2.81
C ALA A 64 -6.42 -21.01 1.88
N LYS A 65 -6.31 -22.26 2.34
CA LYS A 65 -6.70 -23.40 1.51
C LYS A 65 -8.17 -23.34 1.13
N ARG A 66 -9.00 -22.77 1.99
CA ARG A 66 -10.44 -22.70 1.77
C ARG A 66 -10.86 -21.44 1.02
N VAL A 67 -9.91 -20.57 0.66
CA VAL A 67 -10.20 -19.42 -0.18
C VAL A 67 -10.41 -19.92 -1.61
N PRO A 68 -11.55 -19.65 -2.24
CA PRO A 68 -11.82 -20.20 -3.58
C PRO A 68 -10.78 -19.74 -4.59
N GLY A 69 -10.10 -20.71 -5.20
CA GLY A 69 -9.08 -20.46 -6.19
C GLY A 69 -7.66 -20.55 -5.65
N PHE A 70 -7.48 -20.48 -4.33
CA PHE A 70 -6.14 -20.53 -3.77
C PHE A 70 -5.53 -21.92 -3.90
N VAL A 71 -6.35 -22.96 -3.74
CA VAL A 71 -5.84 -24.33 -3.86
C VAL A 71 -5.45 -24.65 -5.30
N ASP A 72 -5.99 -23.92 -6.28
CA ASP A 72 -5.65 -24.18 -7.68
C ASP A 72 -4.22 -23.77 -8.00
N LEU A 73 -3.63 -22.86 -7.23
CA LEU A 73 -2.25 -22.45 -7.46
C LEU A 73 -1.29 -23.58 -7.08
N THR A 74 -0.10 -23.52 -7.65
CA THR A 74 0.94 -24.48 -7.27
C THR A 74 1.40 -24.20 -5.84
N LEU A 75 2.06 -25.20 -5.24
CA LEU A 75 2.51 -25.07 -3.86
C LEU A 75 3.47 -23.89 -3.70
N HIS A 76 4.31 -23.66 -4.70
CA HIS A 76 5.25 -22.54 -4.63
C HIS A 76 4.53 -21.19 -4.60
N ASP A 77 3.49 -21.05 -5.43
CA ASP A 77 2.75 -19.79 -5.44
C ASP A 77 1.96 -19.59 -4.16
N GLN A 78 1.41 -20.66 -3.60
CA GLN A 78 0.73 -20.56 -2.31
C GLN A 78 1.69 -20.09 -1.23
N VAL A 79 2.92 -20.60 -1.25
CA VAL A 79 3.92 -20.19 -0.26
C VAL A 79 4.29 -18.73 -0.46
N HIS A 80 4.46 -18.31 -1.71
CA HIS A 80 4.85 -16.92 -1.98
C HIS A 80 3.79 -15.94 -1.51
N LEU A 81 2.51 -16.24 -1.79
CA LEU A 81 1.44 -15.32 -1.43
C LEU A 81 1.28 -15.21 0.08
N LEU A 82 1.41 -16.33 0.80
CA LEU A 82 1.26 -16.30 2.24
C LEU A 82 2.44 -15.61 2.91
N GLU A 83 3.64 -15.81 2.39
CA GLU A 83 4.84 -15.21 2.97
C GLU A 83 4.82 -13.69 2.89
N CYS A 84 4.18 -13.15 1.86
CA CYS A 84 4.16 -11.72 1.65
CA CYS A 84 4.14 -11.70 1.69
C CYS A 84 2.95 -11.05 2.35
N ALA A 85 1.84 -11.78 2.48
CA ALA A 85 0.62 -11.19 3.00
C ALA A 85 0.28 -11.55 4.46
N TRP A 86 1.10 -12.40 5.09
CA TRP A 86 0.70 -12.97 6.38
C TRP A 86 0.49 -11.90 7.45
N LEU A 87 1.38 -10.90 7.50
CA LEU A 87 1.21 -9.86 8.51
C LEU A 87 0.05 -8.94 8.16
N GLU A 88 -0.18 -8.69 6.87
CA GLU A 88 -1.36 -7.93 6.48
C GLU A 88 -2.64 -8.64 6.89
N ILE A 89 -2.69 -9.96 6.70
CA ILE A 89 -3.89 -10.72 7.03
C ILE A 89 -4.12 -10.74 8.54
N LEU A 90 -3.05 -10.90 9.32
CA LEU A 90 -3.17 -10.83 10.77
C LEU A 90 -3.65 -9.45 11.21
N MET A 91 -3.14 -8.39 10.57
CA MET A 91 -3.48 -7.03 10.99
C MET A 91 -4.92 -6.68 10.63
N ILE A 92 -5.37 -7.04 9.43
CA ILE A 92 -6.73 -6.70 9.04
C ILE A 92 -7.74 -7.48 9.87
N GLY A 93 -7.38 -8.69 10.32
CA GLY A 93 -8.24 -9.42 11.23
C GLY A 93 -8.27 -8.79 12.61
N LEU A 94 -7.12 -8.33 13.10
CA LEU A 94 -7.08 -7.61 14.36
C LEU A 94 -7.90 -6.34 14.30
N VAL A 95 -7.79 -5.60 13.19
CA VAL A 95 -8.55 -4.36 13.03
C VAL A 95 -10.05 -4.66 12.98
N TRP A 96 -10.42 -5.78 12.35
CA TRP A 96 -11.83 -6.15 12.26
C TRP A 96 -12.41 -6.50 13.63
N ARG A 97 -11.64 -7.21 14.46
CA ARG A 97 -12.12 -7.57 15.79
C ARG A 97 -12.27 -6.35 16.70
N SER A 98 -11.49 -5.30 16.44
CA SER A 98 -11.44 -4.14 17.31
C SER A 98 -12.44 -3.05 16.93
N MET A 99 -13.35 -3.33 15.98
CA MET A 99 -14.29 -2.30 15.55
C MET A 99 -15.25 -1.92 16.68
N GLU A 100 -15.80 -2.92 17.37
CA GLU A 100 -16.73 -2.65 18.47
C GLU A 100 -16.04 -2.13 19.72
N HIS A 101 -14.72 -1.96 19.70
CA HIS A 101 -13.96 -1.48 20.85
C HIS A 101 -13.14 -0.27 20.43
N PRO A 102 -13.77 0.90 20.29
CA PRO A 102 -13.03 2.09 19.85
C PRO A 102 -11.94 2.46 20.85
N GLY A 103 -10.79 2.85 20.32
CA GLY A 103 -9.65 3.20 21.14
C GLY A 103 -8.87 2.02 21.69
N LYS A 104 -9.31 0.79 21.43
CA LYS A 104 -8.65 -0.40 21.93
C LYS A 104 -8.46 -1.41 20.81
N LEU A 105 -7.47 -2.28 20.99
CA LEU A 105 -7.16 -3.35 20.04
C LEU A 105 -7.49 -4.69 20.68
N LEU A 106 -8.40 -5.43 20.05
CA LEU A 106 -8.83 -6.73 20.55
C LEU A 106 -7.93 -7.81 19.94
N PHE A 107 -6.77 -8.00 20.56
CA PHE A 107 -5.90 -9.09 20.15
C PHE A 107 -6.55 -10.44 20.44
N ALA A 108 -7.16 -10.57 21.61
CA ALA A 108 -7.92 -11.74 22.00
C ALA A 108 -9.05 -11.27 22.92
N PRO A 109 -10.11 -12.07 23.08
CA PRO A 109 -11.17 -11.66 23.99
C PRO A 109 -10.69 -11.40 25.41
N ASN A 110 -9.59 -12.04 25.82
CA ASN A 110 -8.99 -11.81 27.12
C ASN A 110 -7.73 -10.96 27.04
N LEU A 111 -7.50 -10.28 25.91
CA LEU A 111 -6.32 -9.43 25.71
C LEU A 111 -6.75 -8.19 24.92
N LEU A 112 -7.28 -7.21 25.64
CA LEU A 112 -7.74 -5.94 25.06
C LEU A 112 -6.78 -4.85 25.50
N LEU A 113 -6.08 -4.24 24.55
CA LEU A 113 -5.03 -3.28 24.85
C LEU A 113 -5.37 -1.92 24.26
N ASP A 114 -4.82 -0.87 24.89
CA ASP A 114 -4.91 0.50 24.40
C ASP A 114 -3.52 0.99 24.01
N ARG A 115 -3.46 2.21 23.49
CA ARG A 115 -2.18 2.73 22.99
C ARG A 115 -1.19 2.99 24.12
N ASN A 116 -1.68 3.25 25.33
CA ASN A 116 -0.77 3.42 26.47
C ASN A 116 -0.03 2.13 26.78
N GLN A 117 -0.72 0.99 26.67
CA GLN A 117 -0.08 -0.30 26.86
C GLN A 117 0.85 -0.65 25.70
N GLY A 118 0.71 0.01 24.55
CA GLY A 118 1.65 -0.18 23.47
C GLY A 118 3.00 0.46 23.70
N LYS A 119 3.14 1.26 24.75
CA LYS A 119 4.39 1.94 25.04
C LYS A 119 5.34 1.06 25.85
N CYS A 120 4.87 -0.12 26.26
CA CYS A 120 5.75 -1.08 26.94
C CYS A 120 6.83 -1.63 26.02
N VAL A 121 6.54 -1.68 24.73
CA VAL A 121 7.51 -2.14 23.76
C VAL A 121 7.99 -0.98 22.91
N GLU A 122 9.28 -0.97 22.59
CA GLU A 122 9.84 0.09 21.75
C GLU A 122 9.20 0.04 20.36
N GLY A 123 8.76 1.21 19.89
CA GLY A 123 8.30 1.36 18.52
C GLY A 123 6.93 0.74 18.28
N MET A 124 6.39 0.13 19.33
CA MET A 124 5.09 -0.53 19.24
C MET A 124 3.95 0.48 19.26
N VAL A 125 4.16 1.65 19.88
CA VAL A 125 3.09 2.64 19.95
C VAL A 125 2.78 3.22 18.57
N GLU A 126 3.79 3.27 17.68
CA GLU A 126 3.54 3.77 16.33
C GLU A 126 2.67 2.80 15.54
N ILE A 127 2.94 1.50 15.66
CA ILE A 127 2.12 0.50 14.99
C ILE A 127 0.72 0.47 15.59
N PHE A 128 0.63 0.63 16.92
CA PHE A 128 -0.67 0.63 17.58
C PHE A 128 -1.56 1.75 17.05
N ASP A 129 -1.01 2.95 16.90
CA ASP A 129 -1.84 4.08 16.47
C ASP A 129 -2.32 3.90 15.03
N MET A 130 -1.49 3.31 14.17
CA MET A 130 -1.94 3.03 12.80
C MET A 130 -3.04 1.99 12.79
N LEU A 131 -2.94 0.97 13.66
CA LEU A 131 -3.99 -0.03 13.73
C LEU A 131 -5.28 0.54 14.29
N LEU A 132 -5.18 1.39 15.32
CA LEU A 132 -6.37 2.04 15.87
C LEU A 132 -7.02 2.96 14.84
N ALA A 133 -6.21 3.66 14.05
CA ALA A 133 -6.76 4.52 13.01
C ALA A 133 -7.49 3.71 11.95
N THR A 134 -6.95 2.55 11.59
CA THR A 134 -7.62 1.71 10.60
C THR A 134 -8.95 1.18 11.13
N SER A 135 -9.00 0.84 12.43
CA SER A 135 -10.24 0.36 13.01
C SER A 135 -11.30 1.46 13.04
N SER A 136 -10.89 2.70 13.32
CA SER A 136 -11.82 3.81 13.27
C SER A 136 -12.35 4.03 11.86
N ARG A 137 -11.48 3.85 10.85
CA ARG A 137 -11.92 4.00 9.47
C ARG A 137 -12.94 2.93 9.10
N PHE A 138 -12.69 1.68 9.49
CA PHE A 138 -13.69 0.63 9.28
C PHE A 138 -14.98 0.96 10.02
N ARG A 139 -14.85 1.57 11.21
CA ARG A 139 -16.04 1.91 12.00
C ARG A 139 -16.83 3.04 11.33
N MET A 140 -16.13 4.06 10.83
CA MET A 140 -16.81 5.18 10.19
C MET A 140 -17.45 4.75 8.87
N MET A 141 -16.91 3.74 8.20
CA MET A 141 -17.47 3.27 6.95
C MET A 141 -18.55 2.20 7.13
N ASN A 142 -18.79 1.76 8.36
CA ASN A 142 -19.74 0.67 8.63
C ASN A 142 -19.38 -0.57 7.81
N LEU A 143 -18.12 -1.00 7.93
CA LEU A 143 -17.65 -2.17 7.21
C LEU A 143 -18.43 -3.41 7.62
N GLN A 144 -18.93 -4.15 6.64
CA GLN A 144 -19.70 -5.36 6.89
C GLN A 144 -18.81 -6.58 6.81
N GLY A 145 -19.18 -7.62 7.56
CA GLY A 145 -18.39 -8.84 7.58
C GLY A 145 -18.26 -9.48 6.21
N GLU A 146 -19.28 -9.34 5.37
CA GLU A 146 -19.18 -9.84 4.00
C GLU A 146 -18.16 -9.06 3.20
N GLU A 147 -18.07 -7.75 3.44
CA GLU A 147 -17.03 -6.94 2.81
C GLU A 147 -15.66 -7.27 3.37
N PHE A 148 -15.59 -7.56 4.67
CA PHE A 148 -14.31 -7.81 5.31
C PHE A 148 -13.64 -9.08 4.78
N VAL A 149 -14.42 -10.16 4.61
CA VAL A 149 -13.84 -11.40 4.14
C VAL A 149 -13.37 -11.27 2.68
N CYS A 150 -14.00 -10.38 1.91
CA CYS A 150 -13.54 -10.14 0.55
C CYS A 150 -12.22 -9.38 0.54
N LEU A 151 -12.08 -8.37 1.41
CA LEU A 151 -10.84 -7.62 1.49
C LEU A 151 -9.68 -8.50 1.92
N LYS A 152 -9.94 -9.41 2.87
CA LYS A 152 -8.88 -10.28 3.36
C LYS A 152 -8.42 -11.26 2.28
N SER A 153 -9.36 -11.76 1.47
CA SER A 153 -8.98 -12.64 0.36
C SER A 153 -8.23 -11.86 -0.72
N ILE A 154 -8.60 -10.59 -0.93
CA ILE A 154 -7.90 -9.77 -1.91
C ILE A 154 -6.44 -9.60 -1.51
N ILE A 155 -6.19 -9.34 -0.23
CA ILE A 155 -4.82 -9.18 0.26
C ILE A 155 -4.01 -10.43 -0.02
N LEU A 156 -4.59 -11.61 0.26
CA LEU A 156 -3.86 -12.86 0.10
C LEU A 156 -3.39 -13.06 -1.34
N LEU A 157 -4.27 -12.77 -2.30
CA LEU A 157 -3.99 -13.00 -3.72
C LEU A 157 -3.24 -11.85 -4.37
N ASN A 158 -3.37 -10.62 -3.86
CA ASN A 158 -2.82 -9.48 -4.58
C ASN A 158 -1.46 -9.05 -4.05
N SER A 159 -1.22 -9.19 -2.75
CA SER A 159 -0.04 -8.58 -2.15
C SER A 159 1.26 -9.15 -2.72
N GLY A 160 1.24 -10.38 -3.22
CA GLY A 160 2.46 -10.97 -3.75
C GLY A 160 2.39 -11.32 -5.22
N VAL A 161 1.34 -10.86 -5.91
CA VAL A 161 1.13 -11.27 -7.30
C VAL A 161 2.13 -10.62 -8.25
N TYR A 162 2.70 -9.47 -7.87
CA TYR A 162 3.64 -8.76 -8.74
C TYR A 162 5.10 -9.12 -8.46
N THR A 163 5.37 -9.91 -7.42
CA THR A 163 6.71 -10.43 -7.16
C THR A 163 6.89 -11.83 -7.73
N PHE A 164 6.09 -12.21 -8.72
CA PHE A 164 6.21 -13.51 -9.37
C PHE A 164 7.22 -13.47 -10.52
N LYS A 175 0.01 -16.06 -13.91
CA LYS A 175 -0.52 -15.04 -13.02
C LYS A 175 -1.92 -14.58 -13.48
N ASP A 176 -2.31 -15.02 -14.68
CA ASP A 176 -3.61 -14.65 -15.21
C ASP A 176 -4.74 -15.21 -14.37
N HIS A 177 -4.52 -16.36 -13.72
CA HIS A 177 -5.55 -16.97 -12.90
C HIS A 177 -5.82 -16.14 -11.65
N ILE A 178 -4.77 -15.67 -10.99
CA ILE A 178 -4.94 -14.89 -9.77
C ILE A 178 -5.72 -13.62 -10.05
N HIS A 179 -5.43 -12.96 -11.18
CA HIS A 179 -6.17 -11.75 -11.52
C HIS A 179 -7.63 -12.06 -11.88
N ARG A 180 -7.90 -13.24 -12.44
CA ARG A 180 -9.28 -13.62 -12.70
C ARG A 180 -10.05 -13.81 -11.39
N VAL A 181 -9.38 -14.38 -10.38
CA VAL A 181 -10.02 -14.54 -9.07
C VAL A 181 -10.19 -13.18 -8.40
N LEU A 182 -9.22 -12.28 -8.59
CA LEU A 182 -9.35 -10.94 -8.02
C LEU A 182 -10.53 -10.19 -8.62
N ASP A 183 -10.69 -10.29 -9.95
CA ASP A 183 -11.87 -9.72 -10.60
C ASP A 183 -13.15 -10.36 -10.06
N LYS A 184 -13.10 -11.65 -9.75
CA LYS A 184 -14.26 -12.33 -9.21
C LYS A 184 -14.66 -11.75 -7.85
N ILE A 185 -13.68 -11.47 -6.99
CA ILE A 185 -13.98 -10.87 -5.70
C ILE A 185 -14.47 -9.44 -5.87
N THR A 186 -13.94 -8.72 -6.86
CA THR A 186 -14.44 -7.37 -7.14
C THR A 186 -15.91 -7.41 -7.54
N ASP A 187 -16.30 -8.37 -8.38
CA ASP A 187 -17.72 -8.55 -8.69
C ASP A 187 -18.51 -8.85 -7.43
N THR A 188 -17.92 -9.56 -6.48
CA THR A 188 -18.63 -9.91 -5.25
C THR A 188 -18.79 -8.69 -4.34
N LEU A 189 -17.76 -7.84 -4.27
CA LEU A 189 -17.87 -6.63 -3.47
C LEU A 189 -18.95 -5.70 -4.02
N ILE A 190 -18.95 -5.48 -5.34
CA ILE A 190 -19.99 -4.66 -5.95
C ILE A 190 -21.37 -5.29 -5.76
N HIS A 191 -21.44 -6.62 -5.86
CA HIS A 191 -22.70 -7.31 -5.67
C HIS A 191 -23.25 -7.11 -4.26
N LEU A 192 -22.37 -7.07 -3.27
CA LEU A 192 -22.81 -6.83 -1.89
C LEU A 192 -23.34 -5.42 -1.73
N MET A 193 -22.71 -4.44 -2.37
CA MET A 193 -23.13 -3.05 -2.21
C MET A 193 -24.43 -2.78 -2.94
N ALA A 194 -24.62 -3.40 -4.11
CA ALA A 194 -25.90 -3.26 -4.81
C ALA A 194 -27.03 -3.95 -4.03
N LYS A 195 -26.70 -5.03 -3.31
CA LYS A 195 -27.70 -5.67 -2.45
C LYS A 195 -28.11 -4.75 -1.31
N ALA A 196 -27.18 -3.94 -0.81
CA ALA A 196 -27.47 -3.02 0.28
C ALA A 196 -28.24 -1.79 -0.17
N GLY A 197 -28.49 -1.62 -1.46
CA GLY A 197 -29.27 -0.52 -1.97
C GLY A 197 -28.46 0.69 -2.41
N LEU A 198 -27.14 0.61 -2.40
CA LEU A 198 -26.32 1.74 -2.82
C LEU A 198 -26.48 1.99 -4.31
N THR A 199 -26.39 3.26 -4.70
CA THR A 199 -26.47 3.64 -6.09
C THR A 199 -25.16 3.34 -6.81
N LEU A 200 -25.21 3.36 -8.14
CA LEU A 200 -24.04 3.03 -8.95
C LEU A 200 -22.86 3.94 -8.60
N GLN A 201 -23.12 5.23 -8.39
CA GLN A 201 -22.05 6.14 -8.01
C GLN A 201 -21.51 5.80 -6.62
N GLN A 202 -22.40 5.44 -5.69
CA GLN A 202 -21.97 5.06 -4.36
C GLN A 202 -21.27 3.70 -4.34
N GLN A 203 -21.51 2.86 -5.36
CA GLN A 203 -20.88 1.55 -5.39
C GLN A 203 -19.40 1.65 -5.70
N HIS A 204 -19.04 2.38 -6.77
CA HIS A 204 -17.63 2.49 -7.11
C HIS A 204 -16.88 3.43 -6.17
N GLN A 205 -17.59 4.34 -5.50
CA GLN A 205 -16.93 5.16 -4.50
C GLN A 205 -16.55 4.34 -3.27
N ARG A 206 -17.49 3.53 -2.77
CA ARG A 206 -17.20 2.67 -1.62
C ARG A 206 -16.17 1.60 -1.99
N LEU A 207 -16.23 1.09 -3.22
CA LEU A 207 -15.22 0.14 -3.67
C LEU A 207 -13.83 0.77 -3.65
N ALA A 208 -13.73 2.03 -4.09
CA ALA A 208 -12.44 2.71 -4.07
C ALA A 208 -11.97 2.98 -2.66
N GLN A 209 -12.88 3.43 -1.78
CA GLN A 209 -12.51 3.71 -0.40
C GLN A 209 -11.98 2.47 0.31
N LEU A 210 -12.62 1.33 0.09
CA LEU A 210 -12.18 0.09 0.74
C LEU A 210 -10.81 -0.33 0.25
N LEU A 211 -10.57 -0.26 -1.07
CA LEU A 211 -9.30 -0.74 -1.62
C LEU A 211 -8.16 0.20 -1.28
N LEU A 212 -8.43 1.50 -1.09
CA LEU A 212 -7.37 2.42 -0.72
C LEU A 212 -6.85 2.15 0.68
N ILE A 213 -7.68 1.59 1.56
CA ILE A 213 -7.23 1.22 2.89
C ILE A 213 -6.18 0.11 2.82
N LEU A 214 -6.27 -0.76 1.81
CA LEU A 214 -5.28 -1.82 1.67
C LEU A 214 -3.88 -1.26 1.46
N SER A 215 -3.78 -0.05 0.90
CA SER A 215 -2.47 0.59 0.77
C SER A 215 -1.88 0.88 2.14
N HIS A 216 -2.70 1.31 3.09
CA HIS A 216 -2.24 1.59 4.45
CA HIS A 216 -2.19 1.58 4.43
C HIS A 216 -2.04 0.31 5.25
N ILE A 217 -2.84 -0.72 4.98
CA ILE A 217 -2.62 -2.02 5.63
C ILE A 217 -1.27 -2.58 5.19
N ARG A 218 -0.92 -2.41 3.92
CA ARG A 218 0.41 -2.78 3.46
C ARG A 218 1.49 -1.97 4.17
N HIS A 219 1.22 -0.68 4.39
CA HIS A 219 2.18 0.18 5.09
C HIS A 219 2.38 -0.28 6.53
N MET A 220 1.28 -0.60 7.23
CA MET A 220 1.41 -1.10 8.59
C MET A 220 2.19 -2.41 8.63
N SER A 221 2.00 -3.26 7.63
CA SER A 221 2.71 -4.54 7.59
C SER A 221 4.20 -4.32 7.44
N ASN A 222 4.61 -3.44 6.53
CA ASN A 222 6.03 -3.18 6.34
C ASN A 222 6.65 -2.57 7.59
N LYS A 223 5.92 -1.67 8.26
CA LYS A 223 6.39 -1.14 9.52
C LYS A 223 6.40 -2.20 10.60
N GLY A 224 5.37 -3.04 10.64
CA GLY A 224 5.35 -4.14 11.60
C GLY A 224 6.41 -5.18 11.33
N MET A 225 6.73 -5.42 10.05
CA MET A 225 7.77 -6.38 9.71
C MET A 225 9.13 -5.90 10.20
N GLU A 226 9.41 -4.60 10.06
CA GLU A 226 10.67 -4.05 10.55
C GLU A 226 10.74 -4.11 12.07
N HIS A 227 9.62 -3.91 12.75
CA HIS A 227 9.62 -3.98 14.20
C HIS A 227 9.89 -5.40 14.69
N LEU A 228 9.26 -6.39 14.04
CA LEU A 228 9.54 -7.79 14.40
C LEU A 228 10.99 -8.15 14.13
N TYR A 229 11.58 -7.56 13.08
CA TYR A 229 12.99 -7.82 12.80
C TYR A 229 13.88 -7.22 13.88
N SER A 230 13.52 -6.05 14.39
CA SER A 230 14.28 -5.45 15.48
C SER A 230 14.13 -6.27 16.76
N MET A 231 12.92 -6.76 17.03
CA MET A 231 12.72 -7.64 18.18
C MET A 231 13.56 -8.91 18.06
N LYS A 232 13.84 -9.34 16.84
CA LYS A 232 14.65 -10.54 16.62
C LYS A 232 16.08 -10.34 17.11
N CYS A 233 16.74 -9.28 16.65
CA CYS A 233 18.11 -9.01 17.09
C CYS A 233 18.24 -8.30 18.44
N LYS A 234 17.16 -7.70 18.92
CA LYS A 234 17.12 -7.25 20.31
C LYS A 234 17.02 -8.49 21.20
N ASN A 235 16.41 -9.53 20.65
CA ASN A 235 16.27 -10.83 21.32
C ASN A 235 15.54 -10.70 22.65
N VAL A 236 14.53 -9.83 22.68
CA VAL A 236 13.73 -9.66 23.89
C VAL A 236 12.93 -10.92 24.19
N VAL A 237 12.30 -11.49 23.17
CA VAL A 237 11.54 -12.73 23.31
C VAL A 237 11.91 -13.65 22.16
N PRO A 238 12.12 -14.94 22.40
CA PRO A 238 12.41 -15.86 21.29
C PRO A 238 11.20 -16.04 20.40
N LEU A 239 11.44 -16.04 19.10
CA LEU A 239 10.39 -16.23 18.11
C LEU A 239 10.30 -17.70 17.70
N SER A 240 9.10 -18.11 17.28
CA SER A 240 8.92 -19.48 16.84
C SER A 240 9.56 -19.70 15.48
N ASP A 241 9.81 -20.97 15.16
CA ASP A 241 10.42 -21.31 13.88
C ASP A 241 9.55 -20.87 12.71
N LEU A 242 8.23 -21.09 12.83
CA LEU A 242 7.32 -20.65 11.77
C LEU A 242 7.33 -19.14 11.63
N LEU A 243 7.31 -18.43 12.76
CA LEU A 243 7.33 -16.97 12.72
C LEU A 243 8.64 -16.45 12.14
N LEU A 244 9.75 -17.13 12.44
CA LEU A 244 11.03 -16.74 11.87
C LEU A 244 11.08 -17.03 10.37
N GLU A 245 10.45 -18.12 9.94
CA GLU A 245 10.39 -18.41 8.51
C GLU A 245 9.59 -17.36 7.76
N MET A 246 8.42 -16.99 8.30
CA MET A 246 7.62 -15.94 7.68
C MET A 246 8.33 -14.59 7.73
N LEU A 247 9.15 -14.36 8.76
CA LEU A 247 9.86 -13.09 8.89
C LEU A 247 11.07 -13.03 7.96
N ASP A 248 11.82 -14.13 7.86
CA ASP A 248 13.01 -14.14 7.03
C ASP A 248 12.70 -14.03 5.54
N ALA A 249 11.47 -14.33 5.13
CA ALA A 249 11.08 -14.22 3.73
C ALA A 249 10.95 -12.77 3.27
N HIS A 250 11.11 -11.80 4.16
CA HIS A 250 10.99 -10.38 3.82
C HIS A 250 12.34 -9.65 3.84
N ARG A 251 13.44 -10.36 4.04
CA ARG A 251 14.76 -9.74 4.06
C ARG A 251 15.70 -10.40 3.07
N LYS B 6 -13.42 27.03 2.20
CA LYS B 6 -14.83 27.02 1.80
C LYS B 6 -14.97 27.28 0.31
N ASN B 7 -16.05 26.77 -0.28
CA ASN B 7 -16.32 26.87 -1.72
C ASN B 7 -15.13 26.34 -2.52
N SER B 8 -14.86 25.05 -2.32
CA SER B 8 -13.69 24.42 -2.92
C SER B 8 -13.82 24.38 -4.44
N LEU B 9 -12.73 24.73 -5.13
CA LEU B 9 -12.74 24.68 -6.59
C LEU B 9 -12.75 23.25 -7.11
N ALA B 10 -12.18 22.31 -6.35
CA ALA B 10 -12.07 20.94 -6.81
C ALA B 10 -13.43 20.25 -6.86
N LEU B 11 -14.27 20.47 -5.85
CA LEU B 11 -15.58 19.83 -5.80
C LEU B 11 -16.50 20.30 -6.92
N SER B 12 -16.23 21.46 -7.51
CA SER B 12 -17.03 21.98 -8.60
C SER B 12 -16.60 21.47 -9.97
N LEU B 13 -15.39 20.92 -10.08
CA LEU B 13 -14.88 20.50 -11.37
C LEU B 13 -15.63 19.28 -11.90
N THR B 14 -15.89 19.28 -13.21
CA THR B 14 -16.48 18.11 -13.85
C THR B 14 -15.40 17.06 -14.08
N ALA B 15 -15.81 15.92 -14.65
CA ALA B 15 -14.86 14.83 -14.89
C ALA B 15 -13.81 15.23 -15.92
N ASP B 16 -14.26 15.78 -17.06
CA ASP B 16 -13.32 16.21 -18.09
C ASP B 16 -12.46 17.37 -17.62
N GLN B 17 -13.03 18.26 -16.80
CA GLN B 17 -12.23 19.35 -16.24
C GLN B 17 -11.19 18.84 -15.26
N MET B 18 -11.53 17.79 -14.51
CA MET B 18 -10.56 17.18 -13.60
C MET B 18 -9.37 16.64 -14.36
N VAL B 19 -9.62 15.96 -15.48
CA VAL B 19 -8.54 15.40 -16.29
C VAL B 19 -7.67 16.51 -16.84
N SER B 20 -8.30 17.58 -17.36
CA SER B 20 -7.55 18.67 -17.97
C SER B 20 -6.64 19.36 -16.94
N ALA B 21 -7.17 19.61 -15.75
CA ALA B 21 -6.37 20.26 -14.71
C ALA B 21 -5.18 19.39 -14.31
N LEU B 22 -5.40 18.07 -14.22
CA LEU B 22 -4.30 17.18 -13.85
C LEU B 22 -3.29 17.05 -14.98
N LEU B 23 -3.75 16.99 -16.22
CA LEU B 23 -2.83 16.91 -17.35
C LEU B 23 -2.02 18.19 -17.50
N ASP B 24 -2.64 19.34 -17.24
CA ASP B 24 -1.92 20.60 -17.32
C ASP B 24 -0.86 20.73 -16.24
N ALA B 25 -1.08 20.10 -15.09
CA ALA B 25 -0.15 20.20 -13.97
C ALA B 25 1.01 19.22 -14.08
N GLU B 26 1.08 18.43 -15.14
CA GLU B 26 2.10 17.41 -15.25
C GLU B 26 3.50 18.02 -15.21
N PRO B 27 4.40 17.51 -14.37
CA PRO B 27 5.77 18.02 -14.35
C PRO B 27 6.53 17.52 -15.56
N PRO B 28 7.63 18.19 -15.92
CA PRO B 28 8.41 17.74 -17.08
C PRO B 28 9.25 16.52 -16.76
N ILE B 29 9.72 15.87 -17.83
CA ILE B 29 10.65 14.76 -17.72
C ILE B 29 12.06 15.33 -17.76
N LEU B 30 12.78 15.21 -16.65
CA LEU B 30 14.09 15.82 -16.52
C LEU B 30 15.19 14.91 -17.08
N TYR B 31 16.33 15.52 -17.39
CA TYR B 31 17.52 14.82 -17.80
C TYR B 31 18.49 14.71 -16.62
N SER B 32 19.42 13.77 -16.73
CA SER B 32 20.51 13.59 -15.78
C SER B 32 21.83 14.00 -16.41
N GLU B 33 22.84 14.18 -15.55
CA GLU B 33 24.22 14.40 -15.93
C GLU B 33 24.93 13.12 -16.37
N TYR B 34 24.21 12.14 -16.91
CA TYR B 34 24.84 10.87 -17.24
C TYR B 34 25.72 10.99 -18.48
N ASP B 35 26.98 10.53 -18.35
CA ASP B 35 27.91 10.48 -19.48
C ASP B 35 28.12 9.02 -19.90
N PRO B 36 27.66 8.61 -21.09
CA PRO B 36 27.85 7.20 -21.49
C PRO B 36 29.30 6.79 -21.64
N THR B 37 30.24 7.74 -21.66
CA THR B 37 31.65 7.40 -21.79
C THR B 37 32.14 6.64 -20.56
N ARG B 38 31.90 7.19 -19.38
CA ARG B 38 32.37 6.56 -18.15
C ARG B 38 31.45 5.42 -17.76
N PRO B 39 31.97 4.22 -17.47
CA PRO B 39 31.12 3.14 -16.98
C PRO B 39 30.59 3.43 -15.60
N PHE B 40 29.78 2.51 -15.05
CA PHE B 40 29.08 2.76 -13.80
C PHE B 40 29.89 2.30 -12.59
N SER B 41 29.79 3.08 -11.53
CA SER B 41 30.24 2.68 -10.21
C SER B 41 29.11 2.93 -9.22
N GLU B 42 29.18 2.28 -8.06
CA GLU B 42 28.10 2.40 -7.09
C GLU B 42 27.92 3.85 -6.63
N ALA B 43 29.04 4.59 -6.50
CA ALA B 43 28.94 5.97 -6.06
C ALA B 43 28.43 6.88 -7.18
N SER B 44 28.84 6.59 -8.43
CA SER B 44 28.44 7.45 -9.55
C SER B 44 26.98 7.26 -9.90
N MET B 45 26.53 6.00 -10.02
CA MET B 45 25.13 5.74 -10.35
C MET B 45 24.20 6.26 -9.27
N MET B 46 24.57 6.06 -8.00
CA MET B 46 23.75 6.60 -6.92
C MET B 46 23.76 8.12 -6.93
N GLY B 47 24.90 8.73 -7.30
CA GLY B 47 24.93 10.18 -7.42
C GLY B 47 24.03 10.70 -8.51
N LEU B 48 23.95 9.96 -9.64
CA LEU B 48 23.05 10.35 -10.72
C LEU B 48 21.60 10.25 -10.29
N LEU B 49 21.24 9.14 -9.64
CA LEU B 49 19.86 8.95 -9.18
C LEU B 49 19.50 9.92 -8.07
N THR B 50 20.48 10.26 -7.21
CA THR B 50 20.21 11.23 -6.15
C THR B 50 20.04 12.62 -6.73
N ASN B 51 20.92 13.02 -7.66
CA ASN B 51 20.80 14.32 -8.30
C ASN B 51 19.48 14.43 -9.07
N LEU B 52 19.08 13.36 -9.75
CA LEU B 52 17.84 13.39 -10.52
C LEU B 52 16.62 13.46 -9.61
N ALA B 53 16.57 12.60 -8.59
CA ALA B 53 15.42 12.58 -7.69
C ALA B 53 15.27 13.89 -6.93
N ASP B 54 16.39 14.55 -6.60
CA ASP B 54 16.32 15.82 -5.90
C ASP B 54 15.71 16.91 -6.77
N ARG B 55 16.06 16.95 -8.05
CA ARG B 55 15.48 17.94 -8.95
C ARG B 55 14.02 17.61 -9.27
N GLU B 56 13.66 16.33 -9.31
CA GLU B 56 12.27 15.97 -9.51
C GLU B 56 11.41 16.35 -8.31
N LEU B 57 11.98 16.30 -7.11
CA LEU B 57 11.24 16.68 -5.91
C LEU B 57 10.77 18.13 -5.98
N VAL B 58 11.62 19.01 -6.49
CA VAL B 58 11.24 20.42 -6.60
C VAL B 58 10.04 20.58 -7.52
N HIS B 59 10.03 19.86 -8.64
CA HIS B 59 8.90 19.94 -9.56
C HIS B 59 7.67 19.28 -8.97
N MET B 60 7.85 18.20 -8.19
CA MET B 60 6.70 17.53 -7.58
C MET B 60 6.00 18.44 -6.58
N ILE B 61 6.78 19.18 -5.79
CA ILE B 61 6.20 20.05 -4.78
C ILE B 61 5.32 21.12 -5.43
N ASN B 62 5.77 21.67 -6.55
CA ASN B 62 4.97 22.64 -7.27
C ASN B 62 3.88 21.98 -8.12
N TRP B 63 4.03 20.71 -8.45
CA TRP B 63 2.92 19.98 -9.08
C TRP B 63 1.80 19.73 -8.08
N ALA B 64 2.16 19.45 -6.82
CA ALA B 64 1.15 19.17 -5.81
C ALA B 64 0.26 20.38 -5.56
N LYS B 65 0.81 21.59 -5.65
CA LYS B 65 0.02 22.81 -5.48
C LYS B 65 -1.10 22.88 -6.51
N ARG B 66 -0.88 22.33 -7.70
CA ARG B 66 -1.86 22.39 -8.77
C ARG B 66 -2.82 21.20 -8.77
N VAL B 67 -2.68 20.29 -7.81
CA VAL B 67 -3.64 19.19 -7.69
C VAL B 67 -4.92 19.74 -7.07
N PRO B 68 -6.08 19.52 -7.69
CA PRO B 68 -7.32 20.10 -7.17
C PRO B 68 -7.60 19.66 -5.74
N GLY B 69 -7.80 20.65 -4.86
CA GLY B 69 -8.09 20.43 -3.46
C GLY B 69 -6.88 20.49 -2.56
N PHE B 70 -5.68 20.28 -3.10
CA PHE B 70 -4.49 20.25 -2.26
C PHE B 70 -4.18 21.61 -1.66
N VAL B 71 -4.39 22.68 -2.43
CA VAL B 71 -4.14 24.03 -1.92
C VAL B 71 -5.10 24.39 -0.77
N ASP B 72 -6.28 23.75 -0.72
CA ASP B 72 -7.22 24.06 0.34
C ASP B 72 -6.78 23.55 1.71
N LEU B 73 -5.84 22.60 1.74
CA LEU B 73 -5.37 22.07 3.00
C LEU B 73 -4.38 23.03 3.66
N THR B 74 -4.25 22.91 4.99
CA THR B 74 -3.31 23.75 5.70
C THR B 74 -1.89 23.34 5.36
N LEU B 75 -0.94 24.25 5.64
CA LEU B 75 0.45 23.99 5.33
C LEU B 75 0.98 22.77 6.07
N HIS B 76 0.49 22.54 7.29
CA HIS B 76 0.92 21.37 8.06
C HIS B 76 0.46 20.07 7.39
N ASP B 77 -0.74 20.08 6.81
CA ASP B 77 -1.24 18.88 6.14
C ASP B 77 -0.52 18.66 4.81
N GLN B 78 -0.27 19.74 4.07
CA GLN B 78 0.46 19.63 2.81
C GLN B 78 1.85 19.04 3.03
N VAL B 79 2.54 19.49 4.07
CA VAL B 79 3.86 18.94 4.39
C VAL B 79 3.74 17.46 4.70
N HIS B 80 2.73 17.07 5.48
CA HIS B 80 2.60 15.67 5.89
C HIS B 80 2.29 14.77 4.71
N LEU B 81 1.41 15.20 3.80
CA LEU B 81 1.04 14.36 2.67
C LEU B 81 2.23 14.14 1.74
N LEU B 82 2.99 15.20 1.45
CA LEU B 82 4.15 15.05 0.58
C LEU B 82 5.25 14.25 1.25
N GLU B 83 5.43 14.41 2.56
CA GLU B 83 6.50 13.73 3.28
C GLU B 83 6.36 12.21 3.25
N CYS B 84 5.12 11.71 3.24
CA CYS B 84 4.92 10.28 3.27
CA CYS B 84 4.89 10.28 3.26
C CYS B 84 4.65 9.68 1.88
N ALA B 85 4.33 10.54 0.91
CA ALA B 85 4.00 10.05 -0.43
C ALA B 85 5.01 10.43 -1.52
N TRP B 86 6.10 11.11 -1.16
CA TRP B 86 7.01 11.63 -2.16
C TRP B 86 7.68 10.51 -2.97
N LEU B 87 8.09 9.44 -2.29
CA LEU B 87 8.75 8.34 -3.01
C LEU B 87 7.75 7.54 -3.83
N GLU B 88 6.51 7.40 -3.34
CA GLU B 88 5.48 6.75 -4.14
C GLU B 88 5.23 7.50 -5.44
N ILE B 89 5.24 8.84 -5.39
CA ILE B 89 4.97 9.62 -6.59
C ILE B 89 6.15 9.57 -7.54
N LEU B 90 7.38 9.56 -7.00
CA LEU B 90 8.56 9.40 -7.86
C LEU B 90 8.54 8.05 -8.57
N MET B 91 8.08 7.01 -7.88
CA MET B 91 8.13 5.66 -8.44
C MET B 91 7.05 5.44 -9.49
N ILE B 92 5.83 5.90 -9.24
CA ILE B 92 4.78 5.70 -10.24
C ILE B 92 5.05 6.54 -11.48
N GLY B 93 5.74 7.67 -11.34
CA GLY B 93 6.15 8.43 -12.50
C GLY B 93 7.22 7.72 -13.29
N LEU B 94 8.22 7.15 -12.60
CA LEU B 94 9.24 6.37 -13.26
C LEU B 94 8.65 5.14 -13.95
N VAL B 95 7.73 4.45 -13.27
CA VAL B 95 7.06 3.30 -13.86
C VAL B 95 6.28 3.70 -15.10
N TRP B 96 5.65 4.88 -15.06
CA TRP B 96 4.88 5.35 -16.21
C TRP B 96 5.80 5.67 -17.39
N ARG B 97 6.95 6.29 -17.12
CA ARG B 97 7.88 6.60 -18.20
C ARG B 97 8.44 5.35 -18.86
N SER B 98 8.53 4.25 -18.10
CA SER B 98 9.20 3.05 -18.55
C SER B 98 8.24 2.03 -19.17
N MET B 99 7.01 2.44 -19.49
CA MET B 99 6.04 1.49 -20.04
C MET B 99 6.49 0.97 -21.39
N GLU B 100 6.89 1.87 -22.29
CA GLU B 100 7.25 1.50 -23.65
C GLU B 100 8.67 0.95 -23.77
N HIS B 101 9.31 0.60 -22.65
CA HIS B 101 10.68 0.08 -22.64
C HIS B 101 10.69 -1.18 -21.78
N PRO B 102 10.26 -2.32 -22.33
CA PRO B 102 10.21 -3.55 -21.52
C PRO B 102 11.59 -3.93 -21.00
N GLY B 103 11.62 -4.33 -19.72
CA GLY B 103 12.87 -4.69 -19.08
C GLY B 103 13.79 -3.55 -18.77
N LYS B 104 13.36 -2.31 -18.96
CA LYS B 104 14.19 -1.14 -18.75
C LYS B 104 13.45 -0.09 -17.95
N LEU B 105 14.18 0.62 -17.09
CA LEU B 105 13.64 1.73 -16.30
C LEU B 105 14.17 3.04 -16.88
N LEU B 106 13.26 3.90 -17.31
CA LEU B 106 13.63 5.19 -17.91
C LEU B 106 13.65 6.24 -16.82
N PHE B 107 14.79 6.34 -16.12
CA PHE B 107 14.95 7.39 -15.13
C PHE B 107 14.98 8.76 -15.80
N ALA B 108 15.60 8.85 -16.97
CA ALA B 108 15.66 10.06 -17.77
C ALA B 108 15.73 9.63 -19.23
N PRO B 109 15.37 10.52 -20.17
CA PRO B 109 15.47 10.15 -21.60
C PRO B 109 16.89 9.74 -22.01
N ASN B 110 17.91 10.13 -21.25
CA ASN B 110 19.28 9.72 -21.52
C ASN B 110 19.81 8.74 -20.50
N LEU B 111 18.95 8.23 -19.60
CA LEU B 111 19.36 7.30 -18.54
C LEU B 111 18.36 6.14 -18.54
N LEU B 112 18.66 5.11 -19.32
CA LEU B 112 17.80 3.95 -19.47
C LEU B 112 18.56 2.74 -18.95
N LEU B 113 18.12 2.20 -17.81
CA LEU B 113 18.82 1.12 -17.12
C LEU B 113 18.00 -0.16 -17.13
N ASP B 114 18.70 -1.29 -17.16
CA ASP B 114 18.10 -2.61 -17.04
C ASP B 114 18.39 -3.17 -15.64
N ARG B 115 17.84 -4.36 -15.38
CA ARG B 115 18.02 -4.97 -14.07
C ARG B 115 19.46 -5.40 -13.82
N ASN B 116 20.27 -5.53 -14.87
CA ASN B 116 21.67 -5.88 -14.68
C ASN B 116 22.45 -4.70 -14.12
N GLN B 117 22.25 -3.51 -14.68
CA GLN B 117 22.95 -2.32 -14.21
C GLN B 117 22.48 -1.89 -12.82
N GLY B 118 21.27 -2.28 -12.41
CA GLY B 118 20.83 -2.03 -11.06
C GLY B 118 21.60 -2.80 -10.01
N LYS B 119 22.29 -3.87 -10.40
CA LYS B 119 23.12 -4.62 -9.46
C LYS B 119 24.36 -3.87 -9.04
N CYS B 120 24.68 -2.74 -9.68
CA CYS B 120 25.83 -1.93 -9.29
C CYS B 120 25.66 -1.30 -7.91
N VAL B 121 24.48 -1.39 -7.33
CA VAL B 121 24.21 -0.88 -5.99
C VAL B 121 23.65 -2.01 -5.14
N GLU B 122 24.13 -2.11 -3.90
CA GLU B 122 23.70 -3.18 -3.01
C GLU B 122 22.22 -3.02 -2.67
N GLY B 123 21.45 -4.10 -2.83
CA GLY B 123 20.04 -4.10 -2.55
C GLY B 123 19.17 -3.39 -3.56
N MET B 124 19.76 -2.64 -4.48
CA MET B 124 18.97 -1.90 -5.48
C MET B 124 18.31 -2.84 -6.48
N VAL B 125 18.88 -4.01 -6.71
CA VAL B 125 18.35 -4.92 -7.73
C VAL B 125 16.94 -5.38 -7.36
N GLU B 126 16.70 -5.61 -6.06
CA GLU B 126 15.36 -6.04 -5.63
C GLU B 126 14.33 -4.96 -5.87
N ILE B 127 14.72 -3.69 -5.78
CA ILE B 127 13.79 -2.59 -6.05
C ILE B 127 13.58 -2.41 -7.54
N PHE B 128 14.63 -2.64 -8.34
CA PHE B 128 14.50 -2.55 -9.79
C PHE B 128 13.49 -3.56 -10.32
N ASP B 129 13.54 -4.80 -9.82
CA ASP B 129 12.64 -5.83 -10.31
C ASP B 129 11.18 -5.51 -9.99
N MET B 130 10.92 -4.92 -8.82
CA MET B 130 9.55 -4.53 -8.49
C MET B 130 9.06 -3.41 -9.37
N LEU B 131 9.93 -2.42 -9.65
CA LEU B 131 9.54 -1.33 -10.54
C LEU B 131 9.30 -1.86 -11.96
N LEU B 132 10.11 -2.82 -12.40
CA LEU B 132 9.91 -3.42 -13.72
C LEU B 132 8.58 -4.19 -13.78
N ALA B 133 8.28 -4.96 -12.74
CA ALA B 133 7.03 -5.71 -12.72
C ALA B 133 5.83 -4.79 -12.72
N THR B 134 5.95 -3.64 -12.05
CA THR B 134 4.88 -2.65 -12.08
C THR B 134 4.71 -2.06 -13.46
N SER B 135 5.83 -1.79 -14.15
CA SER B 135 5.76 -1.26 -15.50
C SER B 135 5.19 -2.28 -16.46
N SER B 136 5.50 -3.56 -16.26
CA SER B 136 4.90 -4.60 -17.08
C SER B 136 3.39 -4.70 -16.81
N ARG B 137 2.99 -4.49 -15.56
CA ARG B 137 1.57 -4.53 -15.24
C ARG B 137 0.82 -3.37 -15.89
N PHE B 138 1.42 -2.17 -15.89
CA PHE B 138 0.81 -1.04 -16.59
C PHE B 138 0.71 -1.32 -18.09
N ARG B 139 1.76 -1.88 -18.68
CA ARG B 139 1.71 -2.26 -20.09
C ARG B 139 0.70 -3.38 -20.32
N MET B 140 0.63 -4.33 -19.39
CA MET B 140 -0.35 -5.41 -19.51
C MET B 140 -1.77 -4.87 -19.50
N MET B 141 -2.04 -3.89 -18.63
CA MET B 141 -3.36 -3.27 -18.58
C MET B 141 -3.55 -2.18 -19.62
N ASN B 142 -2.49 -1.78 -20.32
CA ASN B 142 -2.53 -0.65 -21.25
C ASN B 142 -3.05 0.60 -20.54
N LEU B 143 -2.30 1.00 -19.51
CA LEU B 143 -2.68 2.16 -18.72
C LEU B 143 -2.69 3.42 -19.57
N GLN B 144 -3.71 4.25 -19.38
CA GLN B 144 -3.85 5.50 -20.11
C GLN B 144 -3.32 6.67 -19.28
N GLY B 145 -2.81 7.69 -19.98
CA GLY B 145 -2.27 8.84 -19.29
C GLY B 145 -3.31 9.57 -18.46
N GLU B 146 -4.57 9.52 -18.87
CA GLU B 146 -5.64 10.11 -18.06
C GLU B 146 -5.87 9.31 -16.79
N GLU B 147 -5.72 7.99 -16.86
CA GLU B 147 -5.80 7.17 -15.67
C GLU B 147 -4.57 7.34 -14.79
N PHE B 148 -3.41 7.55 -15.40
CA PHE B 148 -2.17 7.68 -14.63
C PHE B 148 -2.18 8.93 -13.76
N VAL B 149 -2.61 10.06 -14.32
CA VAL B 149 -2.63 11.31 -13.57
C VAL B 149 -3.64 11.23 -12.43
N CYS B 150 -4.67 10.40 -12.57
CA CYS B 150 -5.61 10.21 -11.47
C CYS B 150 -4.97 9.41 -10.35
N LEU B 151 -4.30 8.30 -10.69
CA LEU B 151 -3.67 7.47 -9.66
C LEU B 151 -2.59 8.25 -8.91
N LYS B 152 -1.82 9.08 -9.61
CA LYS B 152 -0.77 9.85 -8.95
C LYS B 152 -1.37 10.85 -7.97
N SER B 153 -2.48 11.49 -8.33
CA SER B 153 -3.14 12.40 -7.40
C SER B 153 -3.80 11.65 -6.25
N ILE B 154 -4.30 10.44 -6.51
CA ILE B 154 -4.86 9.62 -5.44
C ILE B 154 -3.79 9.28 -4.42
N ILE B 155 -2.58 8.97 -4.89
CA ILE B 155 -1.47 8.65 -3.98
C ILE B 155 -1.17 9.83 -3.06
N LEU B 156 -1.13 11.04 -3.63
CA LEU B 156 -0.81 12.22 -2.83
C LEU B 156 -1.84 12.44 -1.73
N LEU B 157 -3.12 12.30 -2.04
CA LEU B 157 -4.17 12.59 -1.07
C LEU B 157 -4.39 11.43 -0.10
N ASN B 158 -4.19 10.19 -0.54
CA ASN B 158 -4.54 9.04 0.28
C ASN B 158 -3.40 8.57 1.18
N SER B 159 -2.17 8.57 0.67
CA SER B 159 -1.09 7.86 1.35
C SER B 159 -0.86 8.35 2.77
N GLY B 160 -1.18 9.61 3.06
CA GLY B 160 -0.93 10.13 4.40
C GLY B 160 -2.17 10.60 5.14
N VAL B 161 -3.36 10.24 4.64
CA VAL B 161 -4.57 10.74 5.27
C VAL B 161 -4.91 9.96 6.54
N TYR B 162 -4.48 8.70 6.64
CA TYR B 162 -4.74 7.90 7.83
C TYR B 162 -3.70 8.12 8.92
N THR B 163 -2.63 8.86 8.63
CA THR B 163 -1.59 9.15 9.61
C THR B 163 -1.83 10.48 10.33
N PHE B 164 -2.99 11.10 10.11
CA PHE B 164 -3.34 12.33 10.82
C PHE B 164 -3.66 12.07 12.29
N THR B 168 -6.91 16.49 15.25
CA THR B 168 -7.30 15.84 16.50
C THR B 168 -8.80 15.64 16.60
N LEU B 169 -9.55 16.75 16.60
CA LEU B 169 -11.00 16.64 16.75
C LEU B 169 -11.70 17.60 15.80
N LYS B 170 -11.17 18.83 15.70
CA LYS B 170 -11.76 19.83 14.84
C LYS B 170 -11.28 19.70 13.40
N SER B 171 -10.06 19.20 13.20
CA SER B 171 -9.50 18.97 11.88
C SER B 171 -10.11 17.77 11.17
N LEU B 172 -11.18 17.17 11.71
CA LEU B 172 -11.84 16.08 11.01
C LEU B 172 -12.48 16.55 9.71
N GLU B 173 -12.84 17.83 9.63
CA GLU B 173 -13.37 18.37 8.38
C GLU B 173 -12.29 18.42 7.30
N GLU B 174 -11.02 18.54 7.69
CA GLU B 174 -9.94 18.50 6.71
C GLU B 174 -9.76 17.09 6.15
N LYS B 175 -9.80 16.09 7.03
CA LYS B 175 -9.78 14.70 6.57
C LYS B 175 -11.00 14.40 5.71
N ASP B 176 -12.15 14.95 6.09
CA ASP B 176 -13.37 14.73 5.30
C ASP B 176 -13.27 15.41 3.93
N HIS B 177 -12.62 16.57 3.86
CA HIS B 177 -12.46 17.25 2.59
C HIS B 177 -11.59 16.45 1.64
N ILE B 178 -10.54 15.81 2.17
CA ILE B 178 -9.68 14.98 1.34
C ILE B 178 -10.46 13.79 0.77
N HIS B 179 -11.29 13.16 1.61
CA HIS B 179 -12.08 12.03 1.13
C HIS B 179 -13.11 12.47 0.10
N ARG B 180 -13.57 13.72 0.17
CA ARG B 180 -14.48 14.22 -0.85
C ARG B 180 -13.78 14.35 -2.20
N VAL B 181 -12.53 14.84 -2.19
CA VAL B 181 -11.77 14.93 -3.43
C VAL B 181 -11.38 13.54 -3.93
N LEU B 182 -11.11 12.61 -3.02
CA LEU B 182 -10.78 11.25 -3.44
C LEU B 182 -11.94 10.61 -4.17
N ASP B 183 -13.16 10.76 -3.63
CA ASP B 183 -14.34 10.27 -4.33
C ASP B 183 -14.53 11.00 -5.66
N LYS B 184 -14.12 12.27 -5.73
CA LYS B 184 -14.21 13.01 -6.98
C LYS B 184 -13.31 12.40 -8.05
N ILE B 185 -12.10 11.98 -7.67
CA ILE B 185 -11.20 11.35 -8.62
C ILE B 185 -11.70 9.96 -9.00
N THR B 186 -12.34 9.26 -8.06
CA THR B 186 -12.93 7.98 -8.40
C THR B 186 -14.02 8.12 -9.47
N ASP B 187 -14.86 9.15 -9.34
CA ASP B 187 -15.84 9.44 -10.38
C ASP B 187 -15.16 9.75 -11.71
N THR B 188 -13.98 10.38 -11.66
CA THR B 188 -13.27 10.70 -12.89
C THR B 188 -12.73 9.44 -13.56
N LEU B 189 -12.19 8.51 -12.75
CA LEU B 189 -11.71 7.26 -13.32
C LEU B 189 -12.83 6.45 -13.94
N ILE B 190 -13.98 6.37 -13.28
CA ILE B 190 -15.12 5.66 -13.83
C ILE B 190 -15.60 6.36 -15.10
N HIS B 191 -15.61 7.70 -15.10
CA HIS B 191 -16.01 8.45 -16.28
C HIS B 191 -15.09 8.18 -17.45
N LEU B 192 -13.80 7.99 -17.19
CA LEU B 192 -12.86 7.67 -18.26
C LEU B 192 -13.14 6.29 -18.83
N MET B 193 -13.37 5.29 -17.97
CA MET B 193 -13.58 3.94 -18.45
C MET B 193 -14.91 3.80 -19.19
N ALA B 194 -15.91 4.60 -18.82
CA ALA B 194 -17.17 4.56 -19.55
C ALA B 194 -17.03 5.11 -20.96
N LYS B 195 -16.12 6.08 -21.16
CA LYS B 195 -15.93 6.65 -22.49
C LYS B 195 -15.23 5.67 -23.42
N ALA B 196 -14.33 4.85 -22.88
CA ALA B 196 -13.58 3.86 -23.65
C ALA B 196 -14.40 2.63 -23.99
N GLY B 197 -15.72 2.67 -23.75
CA GLY B 197 -16.57 1.57 -24.14
C GLY B 197 -16.53 0.36 -23.24
N LEU B 198 -16.34 0.57 -21.94
CA LEU B 198 -16.29 -0.53 -20.97
C LEU B 198 -17.66 -0.70 -20.31
N THR B 199 -18.07 -1.95 -20.14
CA THR B 199 -19.29 -2.24 -19.42
C THR B 199 -19.13 -1.91 -17.94
N LEU B 200 -20.26 -1.81 -17.24
CA LEU B 200 -20.22 -1.51 -15.81
C LEU B 200 -19.39 -2.52 -15.05
N GLN B 201 -19.47 -3.80 -15.43
CA GLN B 201 -18.63 -4.81 -14.81
C GLN B 201 -17.16 -4.56 -15.13
N GLN B 202 -16.87 -4.15 -16.36
CA GLN B 202 -15.48 -3.88 -16.74
C GLN B 202 -14.94 -2.63 -16.04
N GLN B 203 -15.80 -1.64 -15.82
CA GLN B 203 -15.35 -0.43 -15.14
C GLN B 203 -14.97 -0.72 -13.70
N HIS B 204 -15.79 -1.51 -12.99
CA HIS B 204 -15.49 -1.84 -11.60
C HIS B 204 -14.24 -2.70 -11.50
N GLN B 205 -14.07 -3.65 -12.42
CA GLN B 205 -12.90 -4.52 -12.38
C GLN B 205 -11.63 -3.73 -12.64
N ARG B 206 -11.62 -2.89 -13.67
CA ARG B 206 -10.43 -2.10 -13.97
C ARG B 206 -10.16 -1.08 -12.87
N LEU B 207 -11.21 -0.51 -12.29
CA LEU B 207 -11.02 0.39 -11.16
C LEU B 207 -10.32 -0.32 -10.01
N ALA B 208 -10.75 -1.56 -9.70
CA ALA B 208 -10.11 -2.32 -8.64
C ALA B 208 -8.68 -2.67 -8.99
N GLN B 209 -8.43 -3.07 -10.24
CA GLN B 209 -7.08 -3.44 -10.66
C GLN B 209 -6.12 -2.27 -10.51
N LEU B 210 -6.57 -1.07 -10.85
CA LEU B 210 -5.70 0.10 -10.73
C LEU B 210 -5.38 0.42 -9.28
N LEU B 211 -6.38 0.35 -8.40
CA LEU B 211 -6.16 0.71 -7.01
C LEU B 211 -5.36 -0.36 -6.26
N LEU B 212 -5.43 -1.62 -6.70
CA LEU B 212 -4.61 -2.65 -6.06
C LEU B 212 -3.13 -2.46 -6.39
N ILE B 213 -2.82 -1.82 -7.52
CA ILE B 213 -1.43 -1.53 -7.85
C ILE B 213 -0.84 -0.52 -6.86
N LEU B 214 -1.67 0.41 -6.36
CA LEU B 214 -1.19 1.37 -5.38
C LEU B 214 -0.72 0.69 -4.11
N SER B 215 -1.27 -0.49 -3.80
CA SER B 215 -0.77 -1.27 -2.67
C SER B 215 0.67 -1.71 -2.90
N HIS B 216 0.97 -2.18 -4.12
CA HIS B 216 2.34 -2.57 -4.44
CA HIS B 216 2.33 -2.57 -4.45
C HIS B 216 3.26 -1.35 -4.55
N ILE B 217 2.73 -0.21 -4.98
CA ILE B 217 3.55 1.00 -5.05
C ILE B 217 3.92 1.45 -3.64
N ARG B 218 3.00 1.32 -2.68
CA ARG B 218 3.34 1.58 -1.29
C ARG B 218 4.44 0.64 -0.81
N HIS B 219 4.35 -0.64 -1.19
CA HIS B 219 5.36 -1.62 -0.80
C HIS B 219 6.73 -1.24 -1.35
N MET B 220 6.79 -0.81 -2.60
CA MET B 220 8.07 -0.39 -3.18
C MET B 220 8.60 0.84 -2.47
N SER B 221 7.73 1.78 -2.09
CA SER B 221 8.18 2.97 -1.40
C SER B 221 8.76 2.65 -0.03
N ASN B 222 8.11 1.73 0.70
CA ASN B 222 8.64 1.34 2.01
C ASN B 222 10.00 0.68 1.88
N LYS B 223 10.15 -0.23 0.91
CA LYS B 223 11.46 -0.83 0.67
C LYS B 223 12.45 0.18 0.14
N GLY B 224 12.00 1.10 -0.71
CA GLY B 224 12.90 2.13 -1.21
C GLY B 224 13.35 3.09 -0.11
N MET B 225 12.44 3.39 0.83
CA MET B 225 12.81 4.27 1.94
C MET B 225 13.88 3.63 2.82
N GLU B 226 13.77 2.32 3.06
CA GLU B 226 14.80 1.63 3.83
C GLU B 226 16.12 1.56 3.09
N HIS B 227 16.08 1.46 1.76
CA HIS B 227 17.30 1.42 0.98
C HIS B 227 17.99 2.79 0.98
N LEU B 228 17.21 3.86 0.90
CA LEU B 228 17.79 5.20 0.95
C LEU B 228 18.38 5.49 2.32
N TYR B 229 17.71 5.04 3.38
CA TYR B 229 18.27 5.19 4.73
C TYR B 229 19.56 4.40 4.88
N SER B 230 19.68 3.29 4.16
CA SER B 230 20.92 2.51 4.20
C SER B 230 22.07 3.27 3.54
N MET B 231 21.81 3.90 2.38
CA MET B 231 22.85 4.66 1.71
C MET B 231 23.28 5.87 2.53
N LYS B 232 22.34 6.46 3.28
CA LYS B 232 22.69 7.60 4.14
C LYS B 232 23.71 7.20 5.19
N CYS B 233 23.46 6.08 5.89
CA CYS B 233 24.40 5.63 6.90
C CYS B 233 25.67 5.04 6.27
N LYS B 234 25.55 4.46 5.07
CA LYS B 234 26.73 3.96 4.39
C LYS B 234 27.67 5.10 3.99
N ASN B 235 27.13 6.30 3.81
CA ASN B 235 27.88 7.53 3.55
C ASN B 235 28.71 7.46 2.28
N VAL B 236 28.45 6.50 1.39
CA VAL B 236 29.24 6.38 0.17
C VAL B 236 28.94 7.53 -0.78
N VAL B 237 27.66 7.89 -0.91
CA VAL B 237 27.23 8.99 -1.76
C VAL B 237 26.43 9.95 -0.90
N PRO B 238 26.70 11.25 -0.94
CA PRO B 238 25.92 12.20 -0.14
C PRO B 238 24.53 12.41 -0.72
N LEU B 239 23.56 12.59 0.17
CA LEU B 239 22.20 12.90 -0.21
C LEU B 239 21.96 14.40 -0.09
N SER B 240 21.03 14.89 -0.90
CA SER B 240 20.71 16.32 -0.87
C SER B 240 20.00 16.67 0.43
N ASP B 241 20.02 17.97 0.76
CA ASP B 241 19.40 18.43 1.99
C ASP B 241 17.89 18.22 1.97
N LEU B 242 17.27 18.27 0.80
CA LEU B 242 15.83 18.02 0.72
C LEU B 242 15.52 16.54 0.89
N LEU B 243 16.28 15.67 0.23
CA LEU B 243 16.06 14.23 0.37
C LEU B 243 16.27 13.78 1.81
N LEU B 244 17.26 14.36 2.49
CA LEU B 244 17.47 14.03 3.90
C LEU B 244 16.28 14.44 4.75
N GLU B 245 15.67 15.58 4.43
CA GLU B 245 14.45 15.99 5.14
C GLU B 245 13.32 15.01 4.88
N MET B 246 13.09 14.66 3.61
CA MET B 246 12.02 13.73 3.29
C MET B 246 12.30 12.35 3.87
N LEU B 247 13.58 11.95 3.90
CA LEU B 247 13.92 10.63 4.42
C LEU B 247 13.74 10.57 5.93
N ASP B 248 14.20 11.60 6.65
CA ASP B 248 14.03 11.64 8.09
C ASP B 248 12.58 11.81 8.52
N ALA B 249 11.67 12.12 7.59
CA ALA B 249 10.25 12.20 7.91
C ALA B 249 9.59 10.84 8.01
N HIS B 250 10.32 9.75 7.73
CA HIS B 250 9.79 8.41 7.82
C HIS B 250 10.35 7.60 8.99
N ARG B 251 11.32 8.14 9.73
CA ARG B 251 11.89 7.44 10.87
C ARG B 251 11.43 8.07 12.17
N LYS C 3 11.17 -26.08 6.17
CA LYS C 3 10.12 -25.14 5.80
C LYS C 3 8.78 -25.57 6.37
N ILE C 4 8.42 -25.01 7.53
CA ILE C 4 7.16 -25.37 8.18
C ILE C 4 5.97 -24.95 7.33
N LEU C 5 6.08 -23.83 6.62
CA LEU C 5 4.98 -23.36 5.79
C LEU C 5 4.62 -24.38 4.72
N HIS C 6 5.62 -25.06 4.15
CA HIS C 6 5.35 -26.13 3.21
C HIS C 6 4.49 -27.21 3.86
N ARG C 7 4.94 -27.74 5.00
CA ARG C 7 4.25 -28.86 5.64
C ARG C 7 2.81 -28.51 5.99
N LEU C 8 2.59 -27.31 6.54
CA LEU C 8 1.24 -26.93 6.95
C LEU C 8 0.30 -26.79 5.75
N LEU C 9 0.85 -26.49 4.58
CA LEU C 9 0.03 -26.38 3.38
C LEU C 9 -0.29 -27.74 2.75
N GLN C 10 0.58 -28.74 2.96
CA GLN C 10 0.35 -30.05 2.36
C GLN C 10 -0.83 -30.76 3.01
N ASP C 11 -1.00 -30.58 4.33
CA ASP C 11 -2.05 -31.26 5.08
C ASP C 11 -3.44 -30.88 4.58
N HIS D 2 11.95 25.13 9.94
CA HIS D 2 12.94 25.49 8.93
C HIS D 2 13.05 24.41 7.86
N LYS D 3 11.96 23.69 7.62
CA LYS D 3 11.96 22.63 6.62
C LYS D 3 12.07 23.20 5.21
N ILE D 4 12.86 22.55 4.38
CA ILE D 4 12.96 22.95 2.97
C ILE D 4 11.62 22.77 2.28
N LEU D 5 10.95 21.64 2.56
CA LEU D 5 9.61 21.40 2.01
C LEU D 5 8.64 22.51 2.41
N HIS D 6 8.79 23.06 3.61
CA HIS D 6 7.94 24.19 4.02
C HIS D 6 8.10 25.36 3.06
N ARG D 7 9.33 25.85 2.90
CA ARG D 7 9.54 27.06 2.11
C ARG D 7 9.14 26.84 0.66
N LEU D 8 9.49 25.69 0.08
CA LEU D 8 9.10 25.42 -1.30
C LEU D 8 7.59 25.39 -1.44
N LEU D 9 6.89 24.91 -0.41
CA LEU D 9 5.44 25.04 -0.39
C LEU D 9 5.01 26.46 -0.01
N GLN D 10 5.87 27.20 0.69
CA GLN D 10 5.47 28.51 1.21
C GLN D 10 5.47 29.56 0.11
N ASP D 11 6.62 29.80 -0.52
CA ASP D 11 6.81 30.97 -1.36
C ASP D 11 5.79 31.03 -2.49
N SER D 12 5.43 32.25 -2.88
CA SER D 12 4.42 32.48 -3.89
C SER D 12 4.88 33.54 -4.89
O01 7EN E . 5.89 -12.22 17.61
C02 7EN E . 5.04 -11.16 17.26
C03 7EN E . 4.28 -11.23 16.12
C04 7EN E . 3.43 -10.18 15.77
CL05 7EN E . 2.47 -10.28 14.32
C06 7EN E . 3.35 -9.07 16.59
C07 7EN E . 2.46 -7.90 16.25
C08 7EN E . 0.90 -7.89 16.11
C09 7EN E . -0.02 -9.07 16.31
C10 7EN E . -1.09 -9.32 15.45
CL11 7EN E . -1.43 -8.29 14.09
C12 7EN E . -1.90 -10.42 15.66
C13 7EN E . -1.66 -11.27 16.73
O14 7EN E . -2.49 -12.39 16.94
C15 7EN E . -0.61 -11.03 17.58
C16 7EN E . 0.21 -9.94 17.37
C17 7EN E . 0.44 -6.33 15.73
C18 7EN E . 1.70 -5.43 15.63
S19 7EN E . 3.01 -6.38 15.95
O20 7EN E . 4.38 -5.97 15.97
C21 7EN E . 4.12 -9.00 17.74
C22 7EN E . 4.96 -10.05 18.08
O01 7EN F . 19.02 9.60 -3.68
C02 7EN F . 18.23 8.61 -4.29
C03 7EN F . 16.86 8.77 -4.35
C04 7EN F . 16.07 7.81 -4.95
CL05 7EN F . 14.34 8.03 -5.01
C06 7EN F . 16.65 6.68 -5.50
C07 7EN F . 15.82 5.60 -6.16
C08 7EN F . 14.86 5.71 -7.39
C09 7EN F . 14.58 6.97 -8.20
C10 7EN F . 13.28 7.33 -8.54
CL11 7EN F . 11.90 6.35 -8.06
C12 7EN F . 13.04 8.48 -9.27
C13 7EN F . 14.10 9.28 -9.67
O14 7EN F . 13.86 10.44 -10.42
C15 7EN F . 15.40 8.92 -9.33
C16 7EN F . 15.63 7.78 -8.59
C17 7EN F . 14.20 4.21 -7.67
C18 7EN F . 14.77 3.20 -6.62
S19 7EN F . 15.79 4.03 -5.64
O20 7EN F . 16.53 3.50 -4.53
C21 7EN F . 18.03 6.52 -5.44
C22 7EN F . 18.82 7.48 -4.83
#